data_6ZEP
#
_entry.id   6ZEP
#
_cell.length_a   43.430
_cell.length_b   94.390
_cell.length_c   99.110
_cell.angle_alpha   90.00
_cell.angle_beta   90.00
_cell.angle_gamma   90.00
#
_symmetry.space_group_name_H-M   'P 21 21 21'
#
loop_
_entity.id
_entity.type
_entity.pdbx_description
1 polymer 'Leucine aminopeptidase A'
2 branched alpha-D-mannopyranose-(1-2)-alpha-D-mannopyranose-(1-3)-[alpha-D-mannopyranose-(1-3)-[alpha-D-mannopyranose-(1-6)]alpha-D-mannopyranose-(1-6)]beta-D-mannopyranose-(1-4)-2-acetamido-2-deoxy-beta-D-glucopyranose-(1-4)-2-acetamido-2-deoxy-beta-D-glucopyranose
3 non-polymer 'ZINC ION'
4 non-polymer 'CHLORIDE ION'
5 non-polymer 1,2-ETHANEDIOL
6 water water
#
_entity_poly.entity_id   1
_entity_poly.type   'polypeptide(L)'
_entity_poly.pdbx_seq_one_letter_code
;MRFLPCIATLAATASALAIGDHVRSDDQYVLELAPGQTKVVTEAEKWALRAEGKRFFDITERASSLELASNKKQKLAVTY
PDSVQHNETVQNLIKSLDKKNFETVLQPFSEFHNRYYKSDNGKKSSEWLQGKIQEIISASGAKGVTVEPFKHSFPQSSLI
AKIPGKSDKTIVLGAHQDSINLDSPSEGRAPGADDDGSGVVTILEAFRVLLTDEKVAAGEAPNTVEFHFYAGEEGGLLGS
QDIFEQYSQKSRDVKAMLQQDMTGYTKGTTDAGKPESIGIITDNVDENLTKFLKVIVDAYCTIPTVDSKCGYGCSDHASA
TKYGYPAAFAFESAFGDDSPYIHSADDTIETVNFDHVLQHGRLTLGFAYELAFADSL
;
_entity_poly.pdbx_strand_id   A
#
# COMPACT_ATOMS: atom_id res chain seq x y z
N ASP A 26 2.35 -32.61 1.73
CA ASP A 26 1.54 -31.98 0.68
C ASP A 26 0.09 -31.87 1.14
N ASP A 27 -0.42 -30.63 1.19
CA ASP A 27 0.32 -29.48 0.71
C ASP A 27 1.34 -28.95 1.71
N GLN A 28 2.51 -28.59 1.17
CA GLN A 28 3.63 -28.06 1.94
C GLN A 28 3.87 -26.63 1.50
N TYR A 29 3.93 -25.73 2.46
CA TYR A 29 4.22 -24.33 2.18
C TYR A 29 5.59 -24.01 2.76
N VAL A 30 6.38 -23.25 2.01
CA VAL A 30 7.73 -22.91 2.42
C VAL A 30 7.71 -21.43 2.81
N LEU A 31 8.01 -21.14 4.08
CA LEU A 31 7.97 -19.77 4.58
C LEU A 31 9.37 -19.30 4.96
N GLU A 32 9.66 -18.04 4.67
CA GLU A 32 10.91 -17.40 5.08
C GLU A 32 10.57 -16.43 6.20
N LEU A 33 10.96 -16.79 7.43
CA LEU A 33 10.64 -16.03 8.65
C LEU A 33 11.72 -15.04 9.02
N ALA A 34 12.92 -15.20 8.47
CA ALA A 34 14.08 -14.36 8.72
C ALA A 34 15.03 -14.55 7.55
N PRO A 35 15.99 -13.63 7.36
CA PRO A 35 16.95 -13.79 6.25
C PRO A 35 17.56 -15.18 6.16
N GLY A 36 17.33 -15.85 5.03
CA GLY A 36 17.93 -17.15 4.77
C GLY A 36 17.46 -18.28 5.66
N GLN A 37 16.31 -18.13 6.33
CA GLN A 37 15.79 -19.17 7.23
C GLN A 37 14.39 -19.56 6.81
N THR A 38 14.20 -20.84 6.49
CA THR A 38 12.95 -21.34 5.93
C THR A 38 12.36 -22.41 6.83
N LYS A 39 11.04 -22.56 6.73
CA LYS A 39 10.31 -23.58 7.46
C LYS A 39 9.20 -24.11 6.56
N VAL A 40 8.99 -25.43 6.57
CA VAL A 40 7.97 -26.07 5.77
C VAL A 40 6.77 -26.33 6.67
N VAL A 41 5.58 -25.85 6.27
CA VAL A 41 4.40 -25.92 7.12
C VAL A 41 3.18 -26.32 6.31
N THR A 42 2.16 -26.80 7.03
CA THR A 42 0.82 -26.94 6.46
C THR A 42 0.14 -25.57 6.39
N GLU A 43 -0.99 -25.52 5.68
CA GLU A 43 -1.69 -24.23 5.61
C GLU A 43 -2.22 -23.84 6.99
N ALA A 44 -2.70 -24.81 7.77
CA ALA A 44 -3.19 -24.49 9.10
C ALA A 44 -2.08 -23.92 9.98
N GLU A 45 -0.89 -24.53 9.92
CA GLU A 45 0.24 -24.00 10.69
C GLU A 45 0.63 -22.62 10.20
N LYS A 46 0.52 -22.36 8.90
CA LYS A 46 0.76 -21.04 8.37
C LYS A 46 -0.12 -19.99 9.05
N TRP A 47 -1.43 -20.26 9.15
CA TRP A 47 -2.31 -19.26 9.75
C TRP A 47 -2.10 -19.14 11.26
N ALA A 48 -1.70 -20.24 11.91
CA ALA A 48 -1.38 -20.19 13.34
C ALA A 48 -0.17 -19.29 13.61
N LEU A 49 0.85 -19.37 12.75
CA LEU A 49 1.97 -18.44 12.87
C LEU A 49 1.51 -17.00 12.74
N ARG A 50 0.68 -16.72 11.74
CA ARG A 50 0.16 -15.35 11.58
C ARG A 50 -0.60 -14.90 12.82
N ALA A 51 -1.38 -15.78 13.42
CA ALA A 51 -2.19 -15.41 14.57
C ALA A 51 -1.33 -15.07 15.78
N GLU A 52 -0.11 -15.60 15.83
CA GLU A 52 0.84 -15.28 16.89
C GLU A 52 1.68 -14.04 16.59
N GLY A 53 1.41 -13.37 15.47
CA GLY A 53 2.12 -12.15 15.13
C GLY A 53 3.34 -12.34 14.26
N LYS A 54 3.67 -13.57 13.87
CA LYS A 54 4.80 -13.80 12.98
C LYS A 54 4.41 -13.50 11.55
N ARG A 55 5.29 -12.82 10.81
N ARG A 55 5.32 -12.82 10.83
CA ARG A 55 5.08 -12.70 9.38
CA ARG A 55 5.18 -12.56 9.41
C ARG A 55 6.28 -13.25 8.63
C ARG A 55 6.28 -13.29 8.65
N PHE A 56 6.14 -13.30 7.31
CA PHE A 56 7.02 -14.10 6.49
C PHE A 56 6.76 -13.79 5.03
N PHE A 57 7.72 -14.18 4.19
CA PHE A 57 7.47 -14.37 2.76
C PHE A 57 7.05 -15.82 2.55
N ASP A 58 5.99 -16.05 1.79
CA ASP A 58 5.70 -17.40 1.31
C ASP A 58 6.50 -17.56 0.03
N ILE A 59 7.49 -18.44 0.05
CA ILE A 59 8.38 -18.61 -1.09
C ILE A 59 8.20 -20.00 -1.70
N THR A 60 7.00 -20.58 -1.52
CA THR A 60 6.77 -21.94 -2.00
C THR A 60 7.07 -22.08 -3.49
N GLU A 61 6.64 -21.11 -4.30
CA GLU A 61 6.82 -21.22 -5.74
C GLU A 61 8.19 -20.77 -6.22
N ARG A 62 9.05 -20.29 -5.33
CA ARG A 62 10.36 -19.76 -5.69
C ARG A 62 11.36 -20.16 -4.62
N ALA A 63 11.48 -21.48 -4.37
CA ALA A 63 11.93 -22.00 -3.08
C ALA A 63 13.39 -21.70 -2.75
N SER A 64 14.20 -21.23 -3.69
CA SER A 64 15.55 -20.78 -3.38
C SER A 64 15.72 -19.27 -3.49
N SER A 65 14.61 -18.53 -3.56
CA SER A 65 14.64 -17.08 -3.43
C SER A 65 14.11 -16.67 -2.06
N ALA A 77 23.38 4.41 -4.25
CA ALA A 77 22.13 4.64 -3.52
C ALA A 77 21.44 5.90 -4.00
N VAL A 78 20.10 5.86 -4.05
CA VAL A 78 19.32 7.02 -4.47
C VAL A 78 19.42 8.12 -3.43
N THR A 79 19.65 9.34 -3.87
CA THR A 79 19.57 10.52 -3.01
C THR A 79 18.33 11.32 -3.39
N TYR A 80 17.58 11.75 -2.38
CA TYR A 80 16.30 12.43 -2.55
C TYR A 80 16.43 13.92 -2.24
N PRO A 81 15.45 14.73 -2.66
CA PRO A 81 15.52 16.16 -2.33
C PRO A 81 15.58 16.38 -0.83
N ASP A 82 16.34 17.41 -0.44
N ASP A 82 16.35 17.39 -0.42
CA ASP A 82 16.49 17.74 0.98
CA ASP A 82 16.47 17.69 1.00
C ASP A 82 15.24 18.40 1.54
C ASP A 82 15.25 18.43 1.55
N SER A 83 14.47 19.07 0.69
CA SER A 83 13.29 19.80 1.13
C SER A 83 12.27 19.78 0.00
N VAL A 84 11.02 20.11 0.33
CA VAL A 84 9.98 20.11 -0.68
C VAL A 84 10.18 21.28 -1.64
N GLN A 85 9.82 21.07 -2.90
CA GLN A 85 10.01 22.06 -3.94
C GLN A 85 8.72 22.49 -4.62
N HIS A 86 7.59 21.87 -4.28
CA HIS A 86 6.35 22.16 -4.99
C HIS A 86 5.23 22.46 -4.01
N ASN A 87 5.58 23.19 -2.96
CA ASN A 87 4.64 23.39 -1.87
C ASN A 87 3.36 24.09 -2.34
N GLU A 88 3.50 25.16 -3.13
CA GLU A 88 2.31 25.87 -3.56
C GLU A 88 1.39 24.98 -4.39
N THR A 89 1.97 24.19 -5.30
CA THR A 89 1.14 23.30 -6.11
C THR A 89 0.50 22.21 -5.27
N VAL A 90 1.26 21.60 -4.37
CA VAL A 90 0.69 20.48 -3.61
C VAL A 90 -0.36 20.97 -2.63
N GLN A 91 -0.14 22.15 -2.03
CA GLN A 91 -1.14 22.67 -1.10
C GLN A 91 -2.46 22.91 -1.82
N ASN A 92 -2.40 23.35 -3.08
CA ASN A 92 -3.64 23.57 -3.82
C ASN A 92 -4.30 22.24 -4.20
N LEU A 93 -3.52 21.23 -4.61
CA LEU A 93 -4.12 19.92 -4.83
C LEU A 93 -4.73 19.33 -3.57
N ILE A 94 -4.15 19.62 -2.39
CA ILE A 94 -4.67 19.04 -1.15
C ILE A 94 -6.09 19.52 -0.89
N LYS A 95 -6.41 20.75 -1.32
CA LYS A 95 -7.75 21.28 -1.13
C LYS A 95 -8.80 20.50 -1.92
N SER A 96 -8.38 19.71 -2.91
CA SER A 96 -9.30 18.90 -3.70
C SER A 96 -9.56 17.52 -3.11
N LEU A 97 -8.76 17.08 -2.14
CA LEU A 97 -9.07 15.84 -1.44
C LEU A 97 -10.42 15.96 -0.76
N ASP A 98 -11.21 14.90 -0.81
CA ASP A 98 -12.57 14.89 -0.27
C ASP A 98 -12.71 13.66 0.60
N LYS A 99 -12.81 13.84 1.92
CA LYS A 99 -12.84 12.66 2.76
C LYS A 99 -14.11 11.84 2.59
N LYS A 100 -15.17 12.42 2.02
CA LYS A 100 -16.36 11.64 1.73
C LYS A 100 -16.07 10.54 0.72
N ASN A 101 -15.09 10.76 -0.17
CA ASN A 101 -14.74 9.75 -1.17
C ASN A 101 -14.11 8.52 -0.54
N PHE A 102 -13.37 8.67 0.56
CA PHE A 102 -12.84 7.49 1.26
C PHE A 102 -13.99 6.57 1.66
N GLU A 103 -15.00 7.12 2.33
N GLU A 103 -15.02 7.13 2.29
CA GLU A 103 -16.12 6.31 2.82
CA GLU A 103 -16.09 6.31 2.83
C GLU A 103 -16.92 5.73 1.67
C GLU A 103 -17.01 5.77 1.72
N THR A 104 -17.20 6.53 0.64
CA THR A 104 -18.01 6.07 -0.48
C THR A 104 -17.43 4.81 -1.13
N VAL A 105 -16.10 4.68 -1.15
CA VAL A 105 -15.47 3.48 -1.70
C VAL A 105 -15.30 2.39 -0.64
N LEU A 106 -14.89 2.76 0.57
CA LEU A 106 -14.57 1.76 1.58
C LEU A 106 -15.81 0.99 2.03
N GLN A 107 -16.97 1.65 2.12
CA GLN A 107 -18.18 0.93 2.54
C GLN A 107 -18.48 -0.27 1.65
N PRO A 108 -18.67 -0.12 0.33
CA PRO A 108 -18.94 -1.32 -0.48
C PRO A 108 -17.74 -2.26 -0.62
N PHE A 109 -16.50 -1.75 -0.60
CA PHE A 109 -15.34 -2.63 -0.63
C PHE A 109 -15.38 -3.62 0.54
N SER A 110 -15.75 -3.13 1.73
CA SER A 110 -15.80 -3.96 2.93
C SER A 110 -17.02 -4.88 2.97
N GLU A 111 -17.96 -4.70 2.04
CA GLU A 111 -19.16 -5.54 1.98
C GLU A 111 -18.92 -6.87 1.28
N PHE A 112 -17.83 -7.00 0.52
CA PHE A 112 -17.47 -8.34 0.07
C PHE A 112 -17.30 -9.21 1.30
N HIS A 113 -17.84 -10.43 1.26
CA HIS A 113 -17.83 -11.28 2.45
C HIS A 113 -16.43 -11.37 3.04
N ASN A 114 -15.45 -11.68 2.19
CA ASN A 114 -14.05 -11.41 2.46
C ASN A 114 -13.42 -11.01 1.14
N ARG A 115 -12.13 -10.67 1.19
CA ARG A 115 -11.39 -10.46 -0.06
C ARG A 115 -10.19 -11.40 -0.05
N TYR A 116 -10.46 -12.68 0.28
CA TYR A 116 -9.39 -13.64 0.44
C TYR A 116 -8.79 -13.98 -0.92
N TYR A 117 -7.45 -14.00 -0.98
CA TYR A 117 -6.79 -14.05 -2.28
C TYR A 117 -7.00 -15.36 -3.02
N LYS A 118 -7.34 -16.44 -2.32
CA LYS A 118 -7.54 -17.73 -2.98
C LYS A 118 -9.01 -18.01 -3.26
N SER A 119 -9.89 -17.06 -2.97
N SER A 119 -9.90 -17.07 -2.96
CA SER A 119 -11.33 -17.23 -3.09
CA SER A 119 -11.32 -17.28 -3.12
C SER A 119 -11.85 -16.48 -4.31
C SER A 119 -11.85 -16.50 -4.32
N ASP A 120 -13.00 -16.94 -4.83
CA ASP A 120 -13.68 -16.18 -5.86
C ASP A 120 -14.11 -14.81 -5.35
N ASN A 121 -14.34 -14.67 -4.04
CA ASN A 121 -14.58 -13.34 -3.48
C ASN A 121 -13.44 -12.39 -3.78
N GLY A 122 -12.19 -12.87 -3.68
CA GLY A 122 -11.05 -12.00 -3.93
C GLY A 122 -10.87 -11.68 -5.40
N LYS A 123 -11.24 -12.60 -6.28
CA LYS A 123 -11.32 -12.27 -7.71
C LYS A 123 -12.35 -11.18 -7.96
N LYS A 124 -13.54 -11.32 -7.35
CA LYS A 124 -14.60 -10.35 -7.60
C LYS A 124 -14.26 -8.98 -7.00
N SER A 125 -13.60 -8.96 -5.84
CA SER A 125 -13.28 -7.67 -5.23
C SER A 125 -12.20 -6.94 -6.03
N SER A 126 -11.24 -7.68 -6.59
CA SER A 126 -10.24 -7.06 -7.45
C SER A 126 -10.86 -6.52 -8.74
N GLU A 127 -11.75 -7.28 -9.36
CA GLU A 127 -12.44 -6.79 -10.55
C GLU A 127 -13.26 -5.53 -10.24
N TRP A 128 -13.90 -5.51 -9.08
CA TRP A 128 -14.66 -4.33 -8.66
C TRP A 128 -13.74 -3.13 -8.48
N LEU A 129 -12.62 -3.32 -7.77
CA LEU A 129 -11.66 -2.25 -7.56
C LEU A 129 -11.08 -1.76 -8.89
N GLN A 130 -10.81 -2.69 -9.80
CA GLN A 130 -10.33 -2.30 -11.12
C GLN A 130 -11.34 -1.36 -11.80
N GLY A 131 -12.63 -1.65 -11.64
CA GLY A 131 -13.65 -0.82 -12.25
C GLY A 131 -13.68 0.56 -11.63
N LYS A 132 -13.47 0.65 -10.32
CA LYS A 132 -13.44 1.95 -9.66
C LYS A 132 -12.25 2.79 -10.12
N ILE A 133 -11.08 2.15 -10.26
CA ILE A 133 -9.92 2.85 -10.80
C ILE A 133 -10.18 3.30 -12.24
N GLN A 134 -10.81 2.45 -13.04
CA GLN A 134 -11.06 2.80 -14.44
C GLN A 134 -12.03 3.97 -14.55
N GLU A 135 -13.03 4.01 -13.67
CA GLU A 135 -13.96 5.15 -13.66
C GLU A 135 -13.22 6.45 -13.42
N ILE A 136 -12.24 6.43 -12.52
CA ILE A 136 -11.45 7.64 -12.27
C ILE A 136 -10.63 8.00 -13.49
N ILE A 137 -9.98 7.02 -14.11
CA ILE A 137 -9.16 7.32 -15.29
C ILE A 137 -10.04 7.86 -16.43
N SER A 138 -11.16 7.20 -16.71
CA SER A 138 -11.98 7.61 -17.84
C SER A 138 -12.54 9.02 -17.65
N ALA A 139 -12.91 9.37 -16.42
CA ALA A 139 -13.45 10.68 -16.13
C ALA A 139 -12.38 11.77 -16.18
N SER A 140 -11.11 11.41 -16.05
CA SER A 140 -10.03 12.39 -16.14
C SER A 140 -9.69 12.75 -17.57
N GLY A 141 -10.00 11.87 -18.52
CA GLY A 141 -9.61 12.07 -19.89
C GLY A 141 -8.13 11.94 -20.18
N ALA A 142 -7.34 11.49 -19.21
CA ALA A 142 -5.89 11.44 -19.36
C ALA A 142 -5.50 10.31 -20.31
N LYS A 143 -5.08 10.68 -21.52
CA LYS A 143 -4.96 9.72 -22.61
C LYS A 143 -4.01 8.57 -22.29
N GLY A 144 -2.87 8.87 -21.65
CA GLY A 144 -1.86 7.85 -21.47
C GLY A 144 -1.96 7.02 -20.20
N VAL A 145 -2.92 7.33 -19.34
CA VAL A 145 -3.05 6.70 -18.03
C VAL A 145 -3.88 5.43 -18.16
N THR A 146 -3.43 4.34 -17.53
CA THR A 146 -4.09 3.05 -17.64
C THR A 146 -4.08 2.31 -16.32
N VAL A 147 -4.96 1.32 -16.21
CA VAL A 147 -4.88 0.33 -15.14
C VAL A 147 -4.93 -1.05 -15.78
N GLU A 148 -4.16 -1.98 -15.23
CA GLU A 148 -4.15 -3.34 -15.76
C GLU A 148 -4.03 -4.35 -14.61
N PRO A 149 -4.65 -5.51 -14.77
CA PRO A 149 -4.45 -6.58 -13.80
C PRO A 149 -3.10 -7.25 -14.00
N PHE A 150 -2.52 -7.70 -12.89
CA PHE A 150 -1.31 -8.51 -12.88
C PHE A 150 -1.72 -9.89 -12.38
N LYS A 151 -1.62 -10.89 -13.27
N LYS A 151 -1.63 -10.90 -13.26
CA LYS A 151 -2.12 -12.23 -12.97
CA LYS A 151 -2.14 -12.22 -12.94
C LYS A 151 -1.18 -12.97 -12.02
C LYS A 151 -1.19 -13.00 -12.05
N HIS A 152 -1.77 -13.78 -11.14
CA HIS A 152 -1.04 -14.63 -10.22
C HIS A 152 -1.58 -16.05 -10.35
N SER A 153 -0.95 -16.99 -9.65
CA SER A 153 -1.42 -18.36 -9.64
C SER A 153 -2.59 -18.59 -8.69
N PHE A 154 -3.31 -17.55 -8.33
CA PHE A 154 -4.52 -17.65 -7.51
C PHE A 154 -5.54 -16.69 -8.10
N PRO A 155 -6.82 -16.76 -7.72
CA PRO A 155 -7.85 -16.02 -8.47
C PRO A 155 -7.71 -14.50 -8.41
N GLN A 156 -7.23 -13.97 -7.30
CA GLN A 156 -7.19 -12.51 -7.12
C GLN A 156 -5.99 -11.90 -7.83
N SER A 157 -6.23 -11.01 -8.81
CA SER A 157 -5.11 -10.35 -9.50
C SER A 157 -4.76 -9.05 -8.78
N SER A 158 -3.45 -8.72 -8.79
CA SER A 158 -3.05 -7.39 -8.37
C SER A 158 -3.44 -6.37 -9.44
N LEU A 159 -3.42 -5.08 -9.07
CA LEU A 159 -3.75 -4.03 -10.03
C LEU A 159 -2.64 -3.01 -10.06
N ILE A 160 -2.24 -2.58 -11.26
CA ILE A 160 -1.22 -1.57 -11.43
C ILE A 160 -1.81 -0.45 -12.29
N ALA A 161 -1.92 0.74 -11.70
CA ALA A 161 -2.32 1.95 -12.44
C ALA A 161 -1.07 2.75 -12.75
N LYS A 162 -0.93 3.16 -14.01
N LYS A 162 -0.96 3.22 -13.98
N LYS A 162 -0.94 3.19 -13.99
CA LYS A 162 0.30 3.80 -14.48
CA LYS A 162 0.28 3.80 -14.48
CA LYS A 162 0.30 3.80 -14.46
C LYS A 162 0.02 5.20 -14.98
C LYS A 162 0.05 5.19 -15.03
C LYS A 162 0.05 5.19 -15.01
N ILE A 163 0.85 6.15 -14.56
CA ILE A 163 0.84 7.52 -15.07
C ILE A 163 2.19 7.74 -15.74
N PRO A 164 2.31 7.52 -17.05
CA PRO A 164 3.62 7.66 -17.72
C PRO A 164 4.13 9.09 -17.62
N GLY A 165 5.43 9.20 -17.34
CA GLY A 165 6.13 10.45 -17.44
C GLY A 165 7.11 10.45 -18.60
N LYS A 166 8.04 11.41 -18.57
CA LYS A 166 8.96 11.51 -19.68
C LYS A 166 10.12 10.51 -19.59
N SER A 167 10.40 9.97 -18.41
CA SER A 167 11.38 8.91 -18.27
C SER A 167 10.74 7.71 -17.60
N ASP A 168 11.43 6.59 -17.66
CA ASP A 168 10.98 5.35 -17.04
C ASP A 168 11.42 5.21 -15.59
N LYS A 169 12.09 6.21 -15.01
CA LYS A 169 12.27 6.23 -13.56
C LYS A 169 10.91 6.23 -12.90
N THR A 170 10.67 5.32 -11.97
CA THR A 170 9.32 5.03 -11.51
C THR A 170 9.17 5.23 -10.00
N ILE A 171 8.09 5.91 -9.61
CA ILE A 171 7.70 6.13 -8.22
C ILE A 171 6.46 5.27 -7.97
N VAL A 172 6.48 4.45 -6.92
CA VAL A 172 5.40 3.49 -6.66
C VAL A 172 4.72 3.83 -5.34
N LEU A 173 3.37 3.89 -5.37
CA LEU A 173 2.52 4.01 -4.19
C LEU A 173 1.74 2.72 -4.07
N GLY A 174 1.84 2.06 -2.90
CA GLY A 174 1.28 0.73 -2.74
C GLY A 174 0.37 0.60 -1.53
N ALA A 175 -0.56 -0.35 -1.64
CA ALA A 175 -1.39 -0.84 -0.54
C ALA A 175 -1.82 -2.24 -0.93
N HIS A 176 -2.28 -3.06 0.03
CA HIS A 176 -2.78 -4.37 -0.36
C HIS A 176 -4.31 -4.40 -0.34
N GLN A 177 -4.88 -5.14 -1.31
CA GLN A 177 -6.32 -5.13 -1.52
C GLN A 177 -7.02 -6.36 -0.96
N ASP A 178 -6.28 -7.34 -0.45
CA ASP A 178 -6.92 -8.52 0.11
C ASP A 178 -7.18 -8.37 1.61
N SER A 179 -8.03 -9.24 2.13
CA SER A 179 -8.33 -9.30 3.56
C SER A 179 -8.36 -10.77 3.98
N ILE A 180 -8.36 -11.02 5.29
CA ILE A 180 -8.38 -12.41 5.77
C ILE A 180 -8.97 -12.46 7.16
N ASN A 181 -9.70 -13.55 7.44
CA ASN A 181 -10.15 -13.90 8.78
C ASN A 181 -9.30 -15.10 9.21
N LEU A 182 -8.37 -14.89 10.15
CA LEU A 182 -7.39 -15.93 10.44
C LEU A 182 -8.01 -17.16 11.08
N ASP A 183 -9.18 -17.03 11.70
CA ASP A 183 -9.82 -18.23 12.23
C ASP A 183 -10.46 -19.07 11.14
N SER A 184 -10.78 -18.48 9.98
CA SER A 184 -11.40 -19.23 8.90
C SER A 184 -11.13 -18.52 7.57
N PRO A 185 -9.93 -18.67 6.99
CA PRO A 185 -9.57 -17.80 5.88
C PRO A 185 -10.46 -17.93 4.65
N SER A 186 -10.82 -19.15 4.25
CA SER A 186 -11.50 -19.30 2.97
C SER A 186 -12.91 -18.69 3.00
N GLU A 187 -13.69 -19.01 4.03
CA GLU A 187 -15.10 -18.62 4.08
C GLU A 187 -15.45 -17.69 5.24
N GLY A 188 -14.47 -17.24 6.02
CA GLY A 188 -14.78 -16.40 7.17
C GLY A 188 -14.94 -14.93 6.78
N ARG A 189 -15.87 -14.26 7.46
CA ARG A 189 -16.13 -12.84 7.23
C ARG A 189 -14.88 -12.00 7.53
N ALA A 190 -14.50 -11.15 6.57
CA ALA A 190 -13.30 -10.32 6.72
C ALA A 190 -13.53 -8.99 6.03
N PRO A 191 -14.19 -8.04 6.72
CA PRO A 191 -14.44 -6.73 6.09
C PRO A 191 -13.16 -5.99 5.74
N GLY A 192 -12.08 -6.23 6.47
CA GLY A 192 -10.79 -5.60 6.15
C GLY A 192 -10.86 -4.11 5.97
N ALA A 193 -11.61 -3.43 6.82
CA ALA A 193 -11.82 -2.00 6.60
C ALA A 193 -10.55 -1.22 6.91
N ASP A 194 -9.91 -1.50 8.04
CA ASP A 194 -8.64 -0.86 8.30
C ASP A 194 -7.49 -1.60 7.62
N ASP A 195 -7.54 -2.92 7.62
CA ASP A 195 -6.46 -3.73 7.05
C ASP A 195 -6.90 -4.52 5.80
N ASP A 196 -6.65 -3.99 4.60
CA ASP A 196 -6.03 -2.68 4.35
C ASP A 196 -6.95 -1.83 3.46
N GLY A 197 -8.26 -1.90 3.70
CA GLY A 197 -9.16 -1.04 2.97
C GLY A 197 -8.79 0.42 3.09
N SER A 198 -8.36 0.83 4.29
CA SER A 198 -7.98 2.22 4.52
C SER A 198 -6.85 2.65 3.59
N GLY A 199 -5.83 1.80 3.44
CA GLY A 199 -4.72 2.14 2.56
C GLY A 199 -5.14 2.17 1.10
N VAL A 200 -6.02 1.25 0.69
CA VAL A 200 -6.52 1.23 -0.68
C VAL A 200 -7.22 2.55 -1.01
N VAL A 201 -8.15 2.98 -0.14
CA VAL A 201 -8.89 4.20 -0.49
C VAL A 201 -8.04 5.45 -0.31
N THR A 202 -7.04 5.40 0.58
CA THR A 202 -6.09 6.51 0.71
C THR A 202 -5.42 6.80 -0.62
N ILE A 203 -4.80 5.77 -1.20
CA ILE A 203 -4.02 6.05 -2.41
C ILE A 203 -4.93 6.18 -3.63
N LEU A 204 -6.12 5.58 -3.62
CA LEU A 204 -7.05 5.77 -4.73
C LEU A 204 -7.49 7.23 -4.83
N GLU A 205 -7.78 7.85 -3.70
CA GLU A 205 -8.17 9.26 -3.70
C GLU A 205 -7.00 10.18 -4.05
N ALA A 206 -5.77 9.84 -3.64
CA ALA A 206 -4.62 10.62 -4.08
C ALA A 206 -4.40 10.48 -5.58
N PHE A 207 -4.60 9.28 -6.12
CA PHE A 207 -4.54 9.06 -7.57
C PHE A 207 -5.52 9.97 -8.31
N ARG A 208 -6.79 10.00 -7.87
CA ARG A 208 -7.78 10.86 -8.51
C ARG A 208 -7.35 12.32 -8.52
N VAL A 209 -6.84 12.82 -7.40
CA VAL A 209 -6.48 14.24 -7.32
C VAL A 209 -5.24 14.52 -8.17
N LEU A 210 -4.28 13.59 -8.21
CA LEU A 210 -3.10 13.76 -9.05
C LEU A 210 -3.49 13.96 -10.51
N LEU A 211 -4.52 13.25 -10.98
CA LEU A 211 -4.92 13.38 -12.37
C LEU A 211 -5.60 14.71 -12.67
N THR A 212 -5.97 15.48 -11.64
CA THR A 212 -6.47 16.83 -11.91
C THR A 212 -5.36 17.82 -12.22
N ASP A 213 -4.09 17.45 -12.03
CA ASP A 213 -2.99 18.31 -12.44
C ASP A 213 -2.72 18.10 -13.93
N GLU A 214 -2.80 19.19 -14.70
CA GLU A 214 -2.75 19.08 -16.16
C GLU A 214 -1.40 18.55 -16.65
N LYS A 215 -0.29 18.97 -16.03
CA LYS A 215 1.01 18.49 -16.47
C LYS A 215 1.17 17.01 -16.20
N VAL A 216 0.75 16.54 -15.01
CA VAL A 216 0.83 15.12 -14.68
C VAL A 216 -0.02 14.30 -15.65
N ALA A 217 -1.26 14.72 -15.86
CA ALA A 217 -2.17 13.94 -16.71
C ALA A 217 -1.68 13.90 -18.15
N ALA A 218 -0.94 14.90 -18.59
CA ALA A 218 -0.45 14.94 -19.97
C ALA A 218 0.85 14.17 -20.15
N GLY A 219 1.41 13.60 -19.08
CA GLY A 219 2.65 12.87 -19.20
C GLY A 219 3.89 13.73 -19.17
N GLU A 220 3.81 14.95 -18.60
CA GLU A 220 4.92 15.88 -18.66
C GLU A 220 5.80 15.86 -17.41
N ALA A 221 5.46 15.06 -16.39
CA ALA A 221 6.36 14.93 -15.26
C ALA A 221 7.62 14.19 -15.68
N PRO A 222 8.78 14.53 -15.10
CA PRO A 222 10.00 13.83 -15.51
C PRO A 222 9.99 12.35 -15.22
N ASN A 223 9.27 11.90 -14.19
CA ASN A 223 9.27 10.50 -13.80
C ASN A 223 7.87 9.90 -13.91
N THR A 224 7.84 8.58 -14.07
CA THR A 224 6.60 7.81 -14.12
C THR A 224 6.13 7.49 -12.70
N VAL A 225 4.80 7.49 -12.50
CA VAL A 225 4.20 7.16 -11.20
C VAL A 225 3.27 5.98 -11.39
N GLU A 226 3.35 5.00 -10.48
CA GLU A 226 2.47 3.85 -10.50
C GLU A 226 1.81 3.69 -9.15
N PHE A 227 0.55 3.29 -9.16
CA PHE A 227 -0.21 2.93 -7.97
C PHE A 227 -0.45 1.43 -8.02
N HIS A 228 0.00 0.71 -6.98
CA HIS A 228 -0.09 -0.74 -6.91
C HIS A 228 -1.08 -1.13 -5.83
N PHE A 229 -1.97 -2.06 -6.16
CA PHE A 229 -2.93 -2.63 -5.21
C PHE A 229 -2.66 -4.14 -5.18
N TYR A 230 -1.92 -4.57 -4.15
CA TYR A 230 -1.33 -5.92 -4.15
C TYR A 230 -2.34 -6.95 -3.71
N ALA A 231 -2.42 -8.04 -4.47
CA ALA A 231 -3.17 -9.23 -4.09
C ALA A 231 -2.33 -10.10 -3.16
N GLY A 232 -3.02 -10.92 -2.36
CA GLY A 232 -2.35 -11.97 -1.61
C GLY A 232 -1.32 -11.53 -0.59
N GLU A 233 -1.41 -10.31 -0.07
CA GLU A 233 -0.47 -9.89 0.96
C GLU A 233 -0.61 -10.76 2.20
N GLU A 234 -1.85 -11.12 2.55
CA GLU A 234 -2.08 -11.87 3.78
C GLU A 234 -1.61 -13.31 3.68
N GLY A 235 -1.35 -13.80 2.48
CA GLY A 235 -0.81 -15.14 2.32
C GLY A 235 0.70 -15.21 2.42
N GLY A 236 1.37 -14.09 2.68
CA GLY A 236 2.82 -14.06 2.71
C GLY A 236 3.42 -13.22 1.59
N LEU A 237 2.84 -12.04 1.34
CA LEU A 237 3.37 -11.08 0.38
C LEU A 237 3.43 -11.67 -1.03
N LEU A 238 2.39 -12.42 -1.40
CA LEU A 238 2.50 -13.20 -2.63
C LEU A 238 2.44 -12.30 -3.87
N GLY A 239 1.54 -11.32 -3.89
CA GLY A 239 1.42 -10.48 -5.07
C GLY A 239 2.59 -9.54 -5.26
N SER A 240 3.08 -8.94 -4.17
CA SER A 240 4.19 -8.01 -4.31
C SER A 240 5.49 -8.73 -4.61
N GLN A 241 5.68 -9.97 -4.12
CA GLN A 241 6.84 -10.74 -4.56
C GLN A 241 6.81 -10.94 -6.07
N ASP A 242 5.66 -11.33 -6.61
CA ASP A 242 5.56 -11.55 -8.06
C ASP A 242 5.88 -10.27 -8.83
N ILE A 243 5.33 -9.14 -8.38
CA ILE A 243 5.50 -7.89 -9.11
C ILE A 243 6.95 -7.43 -9.06
N PHE A 244 7.57 -7.39 -7.87
CA PHE A 244 8.93 -6.89 -7.82
C PHE A 244 9.96 -7.89 -8.35
N GLU A 245 9.67 -9.20 -8.31
CA GLU A 245 10.54 -10.13 -9.01
C GLU A 245 10.51 -9.85 -10.50
N GLN A 246 9.32 -9.63 -11.08
CA GLN A 246 9.26 -9.36 -12.51
C GLN A 246 9.90 -8.02 -12.85
N TYR A 247 9.66 -7.00 -12.04
CA TYR A 247 10.29 -5.70 -12.28
C TYR A 247 11.80 -5.81 -12.26
N SER A 248 12.33 -6.57 -11.30
CA SER A 248 13.78 -6.76 -11.24
C SER A 248 14.29 -7.52 -12.47
N GLN A 249 13.56 -8.56 -12.90
CA GLN A 249 14.01 -9.34 -14.05
C GLN A 249 13.99 -8.54 -15.33
N LYS A 250 13.11 -7.55 -15.43
CA LYS A 250 13.00 -6.69 -16.61
C LYS A 250 13.76 -5.37 -16.46
N SER A 251 14.54 -5.22 -15.39
CA SER A 251 15.33 -4.02 -15.15
C SER A 251 14.48 -2.76 -15.07
N ARG A 252 13.27 -2.87 -14.51
CA ARG A 252 12.49 -1.66 -14.22
C ARG A 252 13.22 -0.82 -13.18
N ASP A 253 13.19 0.50 -13.35
CA ASP A 253 13.99 1.42 -12.55
C ASP A 253 13.08 2.10 -11.52
N VAL A 254 12.81 1.40 -10.42
CA VAL A 254 11.98 1.94 -9.34
C VAL A 254 12.87 2.79 -8.44
N LYS A 255 12.59 4.09 -8.38
CA LYS A 255 13.39 5.01 -7.57
C LYS A 255 12.86 5.21 -6.17
N ALA A 256 11.62 4.81 -5.90
CA ALA A 256 11.02 4.95 -4.58
C ALA A 256 9.72 4.16 -4.56
N MET A 257 9.45 3.54 -3.41
CA MET A 257 8.22 2.78 -3.21
C MET A 257 7.73 3.10 -1.81
N LEU A 258 6.48 3.56 -1.69
CA LEU A 258 5.87 3.84 -0.39
C LEU A 258 4.69 2.92 -0.22
N GLN A 259 4.71 2.14 0.87
CA GLN A 259 3.62 1.22 1.21
C GLN A 259 2.83 1.83 2.36
N GLN A 260 1.51 1.71 2.29
CA GLN A 260 0.66 2.10 3.41
C GLN A 260 -0.29 0.95 3.76
N ASP A 261 -0.27 0.55 5.02
CA ASP A 261 -1.01 -0.61 5.48
C ASP A 261 -1.56 -0.25 6.86
N MET A 262 -2.87 0.01 6.92
CA MET A 262 -3.63 0.42 8.10
C MET A 262 -3.37 1.91 8.36
N THR A 263 -4.27 2.75 7.84
CA THR A 263 -4.13 4.20 7.93
C THR A 263 -5.31 4.86 8.62
N GLY A 264 -6.18 4.10 9.27
CA GLY A 264 -7.43 4.67 9.72
C GLY A 264 -7.78 4.63 11.20
N TYR A 265 -7.05 3.88 12.02
CA TYR A 265 -7.48 3.60 13.39
C TYR A 265 -6.70 4.51 14.35
N THR A 266 -7.42 5.45 14.98
CA THR A 266 -6.79 6.33 15.96
C THR A 266 -7.29 6.12 17.38
N LYS A 267 -8.30 5.26 17.59
CA LYS A 267 -8.86 5.15 18.93
C LYS A 267 -7.84 4.63 19.93
N GLY A 268 -6.94 3.73 19.49
CA GLY A 268 -5.88 3.27 20.39
C GLY A 268 -4.96 4.39 20.83
N THR A 269 -4.63 5.29 19.91
CA THR A 269 -3.79 6.45 20.25
C THR A 269 -4.50 7.36 21.24
N THR A 270 -5.76 7.71 20.94
CA THR A 270 -6.47 8.64 21.81
C THR A 270 -6.82 8.01 23.15
N ASP A 271 -7.12 6.71 23.19
CA ASP A 271 -7.35 6.03 24.47
C ASP A 271 -6.11 6.08 25.36
N ALA A 272 -4.93 6.03 24.76
CA ALA A 272 -3.68 6.05 25.51
C ALA A 272 -3.24 7.45 25.89
N GLY A 273 -3.99 8.47 25.50
CA GLY A 273 -3.61 9.83 25.78
C GLY A 273 -2.43 10.33 24.99
N LYS A 274 -2.13 9.70 23.85
CA LYS A 274 -0.97 10.01 23.02
C LYS A 274 -1.37 10.87 21.83
N PRO A 275 -0.43 11.59 21.23
CA PRO A 275 -0.78 12.48 20.13
C PRO A 275 -1.05 11.70 18.84
N GLU A 276 -2.12 12.08 18.15
CA GLU A 276 -2.37 11.52 16.83
C GLU A 276 -1.17 11.75 15.93
N SER A 277 -0.71 10.70 15.25
CA SER A 277 0.56 10.75 14.55
C SER A 277 0.52 9.89 13.29
N ILE A 278 1.50 10.12 12.40
CA ILE A 278 1.79 9.18 11.32
C ILE A 278 2.89 8.25 11.78
N GLY A 279 2.60 6.95 11.79
CA GLY A 279 3.64 5.96 12.11
C GLY A 279 4.57 5.74 10.93
N ILE A 280 5.87 5.69 11.22
CA ILE A 280 6.92 5.51 10.22
C ILE A 280 7.74 4.30 10.66
N ILE A 281 7.86 3.31 9.78
CA ILE A 281 8.62 2.11 10.08
C ILE A 281 10.10 2.32 9.71
N THR A 282 11.01 1.75 10.51
CA THR A 282 12.43 1.99 10.31
C THR A 282 13.22 0.75 9.93
N ASP A 283 12.62 -0.44 9.90
CA ASP A 283 13.34 -1.64 9.50
C ASP A 283 12.86 -2.13 8.13
N ASN A 284 13.79 -2.79 7.39
CA ASN A 284 13.49 -3.32 6.06
C ASN A 284 13.03 -2.22 5.10
N VAL A 285 13.57 -1.02 5.29
CA VAL A 285 13.24 0.13 4.47
C VAL A 285 14.54 0.87 4.15
N ASP A 286 14.49 1.69 3.11
CA ASP A 286 15.62 2.51 2.71
C ASP A 286 15.75 3.73 3.61
N GLU A 287 16.96 3.96 4.14
CA GLU A 287 17.13 5.02 5.13
C GLU A 287 16.97 6.40 4.51
N ASN A 288 17.52 6.62 3.30
CA ASN A 288 17.35 7.94 2.68
C ASN A 288 15.89 8.20 2.30
N LEU A 289 15.19 7.20 1.78
CA LEU A 289 13.79 7.39 1.42
C LEU A 289 12.96 7.64 2.66
N THR A 290 13.31 6.99 3.77
CA THR A 290 12.52 7.19 5.00
C THR A 290 12.73 8.60 5.53
N LYS A 291 13.94 9.14 5.41
CA LYS A 291 14.19 10.54 5.75
C LYS A 291 13.35 11.47 4.89
N PHE A 292 13.25 11.17 3.59
CA PHE A 292 12.43 12.00 2.70
C PHE A 292 10.96 11.90 3.06
N LEU A 293 10.49 10.71 3.44
CA LEU A 293 9.09 10.57 3.86
C LEU A 293 8.78 11.49 5.04
N LYS A 294 9.72 11.61 5.98
CA LYS A 294 9.51 12.51 7.11
C LYS A 294 9.46 13.98 6.68
N VAL A 295 10.28 14.36 5.68
CA VAL A 295 10.19 15.70 5.09
C VAL A 295 8.79 15.94 4.53
N ILE A 296 8.24 14.94 3.85
CA ILE A 296 6.89 15.03 3.28
C ILE A 296 5.85 15.22 4.39
N VAL A 297 5.92 14.41 5.44
CA VAL A 297 4.96 14.55 6.53
C VAL A 297 5.08 15.91 7.21
N ASP A 298 6.32 16.36 7.43
CA ASP A 298 6.51 17.68 8.06
C ASP A 298 5.90 18.79 7.22
N ALA A 299 5.97 18.68 5.89
CA ALA A 299 5.49 19.75 5.02
C ALA A 299 3.99 19.69 4.74
N TYR A 300 3.42 18.49 4.62
CA TYR A 300 2.08 18.35 4.05
C TYR A 300 1.03 17.77 4.99
N CYS A 301 1.41 17.29 6.17
CA CYS A 301 0.45 16.84 7.17
C CYS A 301 0.42 17.82 8.33
N THR A 302 -0.65 17.75 9.12
CA THR A 302 -0.76 18.59 10.30
C THR A 302 -0.56 17.82 11.60
N ILE A 303 -0.07 16.59 11.54
CA ILE A 303 0.23 15.77 12.71
C ILE A 303 1.67 15.27 12.60
N PRO A 304 2.30 14.95 13.73
CA PRO A 304 3.71 14.55 13.71
C PRO A 304 3.91 13.08 13.35
N THR A 305 5.18 12.71 13.20
CA THR A 305 5.61 11.34 12.97
C THR A 305 5.96 10.65 14.28
N VAL A 306 5.89 9.31 14.26
CA VAL A 306 6.38 8.49 15.38
C VAL A 306 6.95 7.21 14.79
N ASP A 307 8.20 6.89 15.16
CA ASP A 307 8.95 5.76 14.58
C ASP A 307 8.67 4.46 15.32
N SER A 308 8.69 3.36 14.56
CA SER A 308 8.64 2.02 15.16
C SER A 308 9.26 1.02 14.20
N LYS A 309 9.51 -0.20 14.68
CA LYS A 309 9.84 -1.33 13.82
C LYS A 309 8.65 -2.29 13.79
N CYS A 310 8.53 -3.08 12.70
CA CYS A 310 7.47 -4.07 12.66
C CYS A 310 7.90 -5.46 12.17
N GLY A 311 9.19 -5.67 11.93
CA GLY A 311 9.68 -7.02 11.74
C GLY A 311 9.77 -7.45 10.28
N TYR A 312 10.29 -8.67 10.13
CA TYR A 312 10.55 -9.23 8.81
C TYR A 312 9.25 -9.59 8.09
N GLY A 313 9.20 -9.30 6.79
CA GLY A 313 8.04 -9.66 5.99
C GLY A 313 6.77 -8.94 6.37
N CYS A 314 6.89 -7.72 6.89
CA CYS A 314 5.80 -7.06 7.59
C CYS A 314 4.67 -6.63 6.64
N SER A 315 5.02 -6.13 5.45
CA SER A 315 4.01 -5.74 4.45
C SER A 315 4.73 -5.67 3.10
N ASP A 316 4.03 -5.17 2.07
CA ASP A 316 4.55 -5.28 0.71
C ASP A 316 5.82 -4.47 0.45
N HIS A 317 6.15 -3.49 1.29
CA HIS A 317 7.44 -2.81 1.14
C HIS A 317 8.61 -3.78 1.25
N ALA A 318 8.43 -4.86 2.02
CA ALA A 318 9.50 -5.82 2.21
C ALA A 318 9.83 -6.53 0.92
N SER A 319 8.85 -6.71 0.03
CA SER A 319 9.14 -7.29 -1.29
C SER A 319 9.96 -6.34 -2.15
N ALA A 320 9.64 -5.06 -2.14
CA ALA A 320 10.47 -4.10 -2.86
C ALA A 320 11.91 -4.13 -2.33
N THR A 321 12.05 -4.11 -1.01
CA THR A 321 13.38 -4.15 -0.41
C THR A 321 14.12 -5.43 -0.79
N LYS A 322 13.43 -6.58 -0.73
CA LYS A 322 14.09 -7.86 -1.03
C LYS A 322 14.69 -7.86 -2.43
N TYR A 323 14.01 -7.26 -3.40
CA TYR A 323 14.46 -7.26 -4.77
C TYR A 323 15.31 -6.03 -5.12
N GLY A 324 15.72 -5.25 -4.13
CA GLY A 324 16.73 -4.24 -4.31
C GLY A 324 16.24 -2.84 -4.53
N TYR A 325 14.96 -2.58 -4.33
CA TYR A 325 14.40 -1.28 -4.60
C TYR A 325 14.22 -0.49 -3.31
N PRO A 326 14.35 0.84 -3.34
CA PRO A 326 14.23 1.62 -2.09
C PRO A 326 12.77 1.79 -1.69
N ALA A 327 12.45 1.46 -0.44
CA ALA A 327 11.07 1.43 0.01
C ALA A 327 10.94 2.09 1.37
N ALA A 328 9.72 2.55 1.65
CA ALA A 328 9.35 3.15 2.92
C ALA A 328 7.92 2.73 3.25
N PHE A 329 7.52 2.95 4.50
N PHE A 329 7.50 2.99 4.48
CA PHE A 329 6.25 2.44 4.97
CA PHE A 329 6.27 2.40 5.03
C PHE A 329 5.68 3.37 6.03
C PHE A 329 5.68 3.34 6.07
N ALA A 330 4.41 3.73 5.88
CA ALA A 330 3.71 4.58 6.84
C ALA A 330 2.41 3.91 7.28
N PHE A 331 2.02 4.13 8.54
CA PHE A 331 0.75 3.56 9.03
C PHE A 331 0.19 4.46 10.13
N GLU A 332 -0.85 3.98 10.81
CA GLU A 332 -1.77 4.84 11.55
C GLU A 332 -1.27 5.32 12.90
N SER A 333 -0.24 4.71 13.50
CA SER A 333 -0.05 4.94 14.93
C SER A 333 1.37 4.60 15.37
N ALA A 334 1.63 4.83 16.65
CA ALA A 334 2.81 4.28 17.31
C ALA A 334 2.64 2.78 17.49
N PHE A 335 3.77 2.12 17.78
CA PHE A 335 3.74 0.69 18.07
C PHE A 335 2.71 0.37 19.14
N GLY A 336 1.96 -0.70 18.92
CA GLY A 336 1.04 -1.20 19.92
C GLY A 336 -0.27 -0.43 20.03
N ASP A 337 -0.46 0.63 19.27
CA ASP A 337 -1.69 1.41 19.28
C ASP A 337 -2.55 1.16 18.04
N ASP A 338 -2.18 0.18 17.22
CA ASP A 338 -2.89 -0.12 15.98
C ASP A 338 -4.16 -0.92 16.25
N SER A 339 -4.94 -1.15 15.20
CA SER A 339 -6.26 -1.75 15.39
C SER A 339 -6.15 -3.17 15.95
N PRO A 340 -6.82 -3.48 17.05
CA PRO A 340 -6.82 -4.85 17.57
C PRO A 340 -7.84 -5.75 16.90
N TYR A 341 -8.58 -5.24 15.93
CA TYR A 341 -9.67 -5.94 15.28
C TYR A 341 -9.27 -6.59 13.96
N ILE A 342 -8.03 -6.37 13.49
CA ILE A 342 -7.63 -6.89 12.20
C ILE A 342 -7.63 -8.41 12.18
N HIS A 343 -7.81 -8.97 10.98
CA HIS A 343 -7.84 -10.40 10.73
C HIS A 343 -9.02 -11.09 11.38
N SER A 344 -10.11 -10.34 11.61
CA SER A 344 -11.33 -10.88 12.20
C SER A 344 -12.52 -10.21 11.54
N ALA A 345 -13.71 -10.68 11.89
CA ALA A 345 -14.93 -10.07 11.39
C ALA A 345 -15.15 -8.66 11.93
N ASP A 346 -14.37 -8.23 12.92
CA ASP A 346 -14.61 -6.96 13.59
C ASP A 346 -13.82 -5.80 13.00
N ASP A 347 -13.04 -6.03 11.94
CA ASP A 347 -12.28 -4.97 11.27
C ASP A 347 -13.23 -4.21 10.33
N THR A 348 -14.07 -3.38 10.94
CA THR A 348 -15.20 -2.76 10.24
C THR A 348 -15.00 -1.27 10.05
N ILE A 349 -15.80 -0.70 9.14
CA ILE A 349 -15.63 0.71 8.78
C ILE A 349 -15.95 1.63 9.95
N GLU A 350 -16.71 1.14 10.95
CA GLU A 350 -17.00 1.96 12.13
C GLU A 350 -15.76 2.23 12.97
N THR A 351 -14.68 1.48 12.77
CA THR A 351 -13.44 1.69 13.51
C THR A 351 -12.51 2.67 12.83
N VAL A 352 -12.87 3.20 11.66
CA VAL A 352 -11.98 4.01 10.84
C VAL A 352 -12.25 5.49 11.09
N ASN A 353 -11.18 6.26 11.30
CA ASN A 353 -11.26 7.70 11.49
C ASN A 353 -10.87 8.34 10.16
N PHE A 354 -11.87 8.85 9.42
CA PHE A 354 -11.59 9.34 8.08
C PHE A 354 -10.85 10.67 8.08
N ASP A 355 -10.86 11.41 9.20
CA ASP A 355 -9.96 12.56 9.32
C ASP A 355 -8.50 12.13 9.35
N HIS A 356 -8.22 10.97 9.93
CA HIS A 356 -6.84 10.48 9.91
C HIS A 356 -6.47 9.93 8.54
N VAL A 357 -7.39 9.20 7.89
CA VAL A 357 -7.16 8.77 6.51
C VAL A 357 -6.83 9.96 5.63
N LEU A 358 -7.48 11.11 5.87
CA LEU A 358 -7.20 12.30 5.08
C LEU A 358 -5.76 12.74 5.23
N GLN A 359 -5.19 12.60 6.43
CA GLN A 359 -3.79 12.96 6.63
C GLN A 359 -2.89 12.08 5.78
N HIS A 360 -3.21 10.78 5.70
CA HIS A 360 -2.46 9.89 4.82
C HIS A 360 -2.69 10.23 3.35
N GLY A 361 -3.89 10.71 2.99
CA GLY A 361 -4.10 11.16 1.62
C GLY A 361 -3.20 12.32 1.26
N ARG A 362 -3.01 13.26 2.20
CA ARG A 362 -2.14 14.41 1.99
C ARG A 362 -0.69 13.98 1.80
N LEU A 363 -0.21 13.08 2.66
CA LEU A 363 1.18 12.66 2.48
C LEU A 363 1.36 11.86 1.19
N THR A 364 0.37 11.06 0.79
CA THR A 364 0.47 10.32 -0.47
C THR A 364 0.58 11.28 -1.64
N LEU A 365 -0.25 12.32 -1.65
N LEU A 365 -0.28 12.30 -1.68
CA LEU A 365 -0.23 13.30 -2.73
CA LEU A 365 -0.22 13.31 -2.73
C LEU A 365 1.09 14.04 -2.77
C LEU A 365 1.14 13.98 -2.76
N GLY A 366 1.61 14.43 -1.60
CA GLY A 366 2.88 15.14 -1.57
C GLY A 366 4.06 14.28 -1.99
N PHE A 367 4.11 13.04 -1.50
CA PHE A 367 5.17 12.10 -1.87
C PHE A 367 5.18 11.85 -3.38
N ALA A 368 4.01 11.55 -3.93
CA ALA A 368 3.90 11.26 -5.35
C ALA A 368 4.30 12.46 -6.20
N TYR A 369 3.80 13.65 -5.83
CA TYR A 369 4.05 14.83 -6.66
C TYR A 369 5.49 15.28 -6.56
N GLU A 370 6.04 15.37 -5.34
CA GLU A 370 7.43 15.80 -5.20
C GLU A 370 8.38 14.87 -5.95
N LEU A 371 8.15 13.55 -5.87
CA LEU A 371 9.08 12.63 -6.52
C LEU A 371 8.80 12.49 -8.01
N ALA A 372 7.55 12.70 -8.44
CA ALA A 372 7.28 12.73 -9.88
C ALA A 372 8.11 13.81 -10.56
N PHE A 373 8.38 14.90 -9.85
CA PHE A 373 9.10 16.02 -10.45
C PHE A 373 10.55 16.11 -10.00
N ALA A 374 11.08 15.07 -9.36
CA ALA A 374 12.48 15.04 -8.92
C ALA A 374 13.34 14.50 -10.05
N ASP A 375 13.88 15.40 -10.86
CA ASP A 375 14.61 14.95 -12.04
C ASP A 375 16.04 14.50 -11.75
N SER A 376 16.49 14.53 -10.49
CA SER A 376 17.85 14.11 -10.18
C SER A 376 17.92 12.73 -9.50
N LEU A 377 16.81 11.99 -9.45
CA LEU A 377 16.82 10.69 -8.79
C LEU A 377 17.71 9.67 -9.51
#